data_4BKW
#
_entry.id   4BKW
#
_cell.length_a   113.751
_cell.length_b   113.751
_cell.length_c   155.098
_cell.angle_alpha   90.00
_cell.angle_beta   90.00
_cell.angle_gamma   120.00
#
_symmetry.space_group_name_H-M   'P 63 2 2'
#
loop_
_entity.id
_entity.type
_entity.pdbx_description
1 polymer 'ZINC FINGER FYVE DOMAIN-CONTAINING PROTEIN 9'
2 non-polymer 1,2-ETHANEDIOL
3 non-polymer 'TETRAETHYLENE GLYCOL'
4 water water
#
_entity_poly.entity_id   1
_entity_poly.type   'polypeptide(L)'
_entity_poly.pdbx_seq_one_letter_code
;AMNLIPEDGLPPILISTGVKGDYAVEEKPSQISVMQQLEDGGPDPLVFVLNANLLSMVKIVNYVNRKCWCFTTKGMHAVG
QSEIVILLQCLPDEKCLPKDIFNHFVQLYRDALAGNVVSNLGHSFFSQSFLGSKEHGGFLYVTSTYQSLQDLVLPTPPYL
FGILIQKWETPWAKVFPIRLMLRLGAEYRLYPCPLFSVRFRKPLFGETGHTIMNLLADFRNYQYTLPVVQGLVVDMEVRK
TSIKIPSNRYNEMMKAMNKSNEHVLAGGACFNEKADSHLVCVQNDDGNYQTQAISIHNQPRKVTGASFFVFSGALKSSSG
YLAKSSIVEDGVMVQITAENMDSLRQALREMKDFTITCGKADAEEPQEHIHIQWVDDDKNVSKGVVSPIDGKSMETITNV
KIFHGSEYKANGKVIRWTEVFFLENDDQHNCLSDPADHSRLTEHVAKAFCLALCPHLKLLKEDGMTKLGLRVTLDSDQVG
YQAGSNGQPLPSQYMNDLDSALVPVIHGGACQLSEGPVVMELIFYILENIV
;
_entity_poly.pdbx_strand_id   A
#
# COMPACT_ATOMS: atom_id res chain seq x y z
N ALA A 1 9.27 2.48 25.97
CA ALA A 1 9.33 3.77 25.27
C ALA A 1 8.84 3.64 23.83
N MET A 2 9.49 2.78 23.02
CA MET A 2 9.11 2.49 21.62
C MET A 2 8.00 1.42 21.58
N ASN A 3 7.83 0.67 22.69
CA ASN A 3 6.86 -0.41 22.83
C ASN A 3 6.26 -0.43 24.26
N LEU A 4 5.02 0.05 24.38
CA LEU A 4 4.28 0.13 25.65
C LEU A 4 3.40 -1.10 25.94
N ILE A 5 3.52 -2.16 25.13
CA ILE A 5 2.77 -3.41 25.32
C ILE A 5 3.52 -4.21 26.41
N PRO A 6 2.90 -4.50 27.58
CA PRO A 6 3.64 -5.25 28.61
C PRO A 6 3.70 -6.76 28.34
N GLU A 7 4.61 -7.46 29.04
CA GLU A 7 4.78 -8.91 28.95
C GLU A 7 3.47 -9.63 29.36
N ASP A 8 2.80 -9.09 30.40
CA ASP A 8 1.52 -9.57 30.91
C ASP A 8 0.57 -8.36 30.98
N GLY A 9 -0.58 -8.48 30.32
CA GLY A 9 -1.58 -7.41 30.27
C GLY A 9 -1.61 -6.61 28.98
N LEU A 10 -2.60 -5.74 28.85
CA LEU A 10 -2.87 -4.86 27.70
C LEU A 10 -2.01 -3.57 27.69
N PRO A 11 -1.80 -2.93 26.49
CA PRO A 11 -1.05 -1.65 26.49
C PRO A 11 -1.94 -0.51 27.05
N PRO A 12 -1.40 0.68 27.43
CA PRO A 12 -2.29 1.71 28.01
C PRO A 12 -3.46 2.15 27.11
N ILE A 13 -4.59 2.52 27.72
CA ILE A 13 -5.78 2.99 27.02
C ILE A 13 -5.82 4.54 27.04
N LEU A 14 -6.28 5.18 25.95
CA LEU A 14 -6.38 6.64 25.83
C LEU A 14 -7.84 7.08 26.02
N ILE A 15 -8.06 8.09 26.88
CA ILE A 15 -9.41 8.61 27.21
C ILE A 15 -9.48 10.11 26.96
N SER A 16 -10.58 10.56 26.32
CA SER A 16 -10.83 11.97 25.98
C SER A 16 -11.29 12.74 27.21
N THR A 17 -10.61 13.86 27.51
CA THR A 17 -10.90 14.74 28.66
C THR A 17 -11.66 15.98 28.22
N TYR A 23 -5.88 14.87 26.62
CA TYR A 23 -6.29 13.47 26.77
C TYR A 23 -5.60 12.79 27.99
N ALA A 24 -6.25 11.76 28.58
CA ALA A 24 -5.72 11.01 29.72
C ALA A 24 -5.30 9.61 29.31
N VAL A 25 -4.38 9.00 30.07
CA VAL A 25 -3.85 7.64 29.81
C VAL A 25 -4.08 6.70 31.02
N GLU A 26 -4.65 5.52 30.79
CA GLU A 26 -4.83 4.53 31.82
C GLU A 26 -3.98 3.27 31.53
N GLU A 27 -2.81 3.17 32.21
CA GLU A 27 -1.86 2.08 32.08
C GLU A 27 -2.44 0.77 32.63
N LYS A 28 -1.95 -0.38 32.11
CA LYS A 28 -2.38 -1.74 32.50
C LYS A 28 -3.93 -1.85 32.66
N PRO A 29 -4.75 -1.54 31.61
CA PRO A 29 -6.22 -1.63 31.80
C PRO A 29 -6.73 -3.04 32.07
N SER A 30 -7.85 -3.14 32.81
CA SER A 30 -8.47 -4.41 33.16
C SER A 30 -9.09 -5.09 31.94
N GLN A 31 -8.62 -6.31 31.65
CA GLN A 31 -9.05 -7.14 30.53
C GLN A 31 -10.54 -7.46 30.55
N ILE A 32 -11.14 -7.50 31.75
CA ILE A 32 -12.57 -7.75 31.99
C ILE A 32 -13.36 -6.50 31.56
N SER A 33 -12.88 -5.30 31.92
CA SER A 33 -13.52 -4.02 31.60
C SER A 33 -13.42 -3.70 30.10
N VAL A 34 -12.25 -4.00 29.48
CA VAL A 34 -12.01 -3.84 28.04
C VAL A 34 -12.97 -4.74 27.26
N MET A 35 -13.13 -6.01 27.70
CA MET A 35 -14.06 -6.98 27.09
C MET A 35 -15.50 -6.56 27.24
N GLN A 36 -15.85 -5.94 28.40
CA GLN A 36 -17.20 -5.45 28.69
C GLN A 36 -17.53 -4.27 27.78
N GLN A 37 -16.62 -3.28 27.71
CA GLN A 37 -16.77 -2.08 26.86
C GLN A 37 -16.93 -2.45 25.38
N LEU A 38 -16.24 -3.52 24.92
CA LEU A 38 -16.31 -4.00 23.54
C LEU A 38 -17.67 -4.64 23.19
N GLU A 39 -18.41 -5.13 24.20
CA GLU A 39 -19.74 -5.72 24.03
C GLU A 39 -20.86 -4.69 24.31
N ASP A 40 -20.60 -3.39 24.04
CA ASP A 40 -21.55 -2.28 24.22
C ASP A 40 -21.25 -1.13 23.25
N PRO A 43 -20.18 2.18 19.15
CA PRO A 43 -20.13 3.36 18.27
C PRO A 43 -18.68 3.83 18.05
N ASP A 44 -18.02 4.26 19.13
CA ASP A 44 -16.63 4.71 19.12
C ASP A 44 -15.67 3.58 19.55
N PRO A 45 -14.52 3.38 18.87
CA PRO A 45 -13.62 2.30 19.28
C PRO A 45 -12.75 2.66 20.49
N LEU A 46 -12.19 1.63 21.14
CA LEU A 46 -11.27 1.76 22.26
C LEU A 46 -9.95 2.18 21.62
N VAL A 47 -9.21 3.12 22.25
CA VAL A 47 -7.96 3.65 21.74
C VAL A 47 -6.81 3.18 22.64
N PHE A 48 -5.87 2.40 22.08
CA PHE A 48 -4.69 1.92 22.81
C PHE A 48 -3.44 2.67 22.41
N VAL A 49 -2.49 2.82 23.35
CA VAL A 49 -1.23 3.52 23.16
C VAL A 49 -0.12 2.49 23.01
N LEU A 50 0.36 2.29 21.78
CA LEU A 50 1.45 1.34 21.54
C LEU A 50 2.82 1.98 21.84
N ASN A 51 2.89 3.32 21.65
CA ASN A 51 3.98 4.26 21.93
C ASN A 51 3.39 5.67 21.83
N ALA A 52 4.14 6.72 22.21
CA ALA A 52 3.65 8.11 22.25
C ALA A 52 3.23 8.64 20.87
N ASN A 53 3.67 7.96 19.80
CA ASN A 53 3.41 8.34 18.42
C ASN A 53 2.59 7.33 17.62
N LEU A 54 2.25 6.19 18.23
CA LEU A 54 1.48 5.15 17.57
C LEU A 54 0.31 4.65 18.42
N LEU A 55 -0.90 4.83 17.89
CA LEU A 55 -2.17 4.40 18.52
C LEU A 55 -2.77 3.22 17.75
N SER A 56 -3.65 2.44 18.41
CA SER A 56 -4.40 1.35 17.77
C SER A 56 -5.83 1.30 18.32
N MET A 57 -6.82 1.45 17.41
CA MET A 57 -8.25 1.42 17.73
C MET A 57 -8.80 -0.01 17.59
N VAL A 58 -9.66 -0.43 18.53
CA VAL A 58 -10.23 -1.79 18.54
C VAL A 58 -11.74 -1.67 18.66
N LYS A 59 -12.48 -2.48 17.90
CA LYS A 59 -13.95 -2.48 17.86
C LYS A 59 -14.46 -3.82 17.32
N ILE A 60 -15.53 -4.34 17.91
CA ILE A 60 -16.17 -5.57 17.43
C ILE A 60 -17.18 -5.12 16.37
N VAL A 61 -17.07 -5.71 15.16
CA VAL A 61 -17.90 -5.35 14.02
C VAL A 61 -18.52 -6.61 13.45
N ASN A 62 -19.66 -6.47 12.77
CA ASN A 62 -20.30 -7.55 12.03
C ASN A 62 -19.96 -7.25 10.56
N TYR A 63 -18.86 -7.84 10.07
CA TYR A 63 -18.38 -7.57 8.71
C TYR A 63 -18.64 -8.72 7.75
N VAL A 64 -19.47 -8.47 6.71
CA VAL A 64 -19.89 -9.41 5.65
C VAL A 64 -20.41 -10.73 6.30
N ASN A 65 -21.32 -10.58 7.30
CA ASN A 65 -21.96 -11.63 8.10
C ASN A 65 -20.97 -12.46 8.96
N ARG A 66 -19.86 -11.83 9.38
CA ARG A 66 -18.86 -12.47 10.25
C ARG A 66 -18.52 -11.51 11.38
N LYS A 67 -18.42 -12.03 12.61
CA LYS A 67 -18.08 -11.22 13.78
C LYS A 67 -16.56 -11.04 13.75
N CYS A 68 -16.10 -9.78 13.69
CA CYS A 68 -14.68 -9.46 13.55
C CYS A 68 -14.14 -8.50 14.57
N TRP A 69 -12.85 -8.60 14.83
CA TRP A 69 -12.05 -7.69 15.64
C TRP A 69 -11.53 -6.70 14.60
N CYS A 70 -11.89 -5.43 14.71
CA CYS A 70 -11.42 -4.42 13.78
C CYS A 70 -10.29 -3.62 14.45
N PHE A 71 -9.05 -3.93 14.06
CA PHE A 71 -7.83 -3.27 14.54
C PHE A 71 -7.38 -2.27 13.49
N THR A 72 -7.14 -1.02 13.88
CA THR A 72 -6.67 0.04 12.99
C THR A 72 -5.51 0.78 13.64
N THR A 73 -4.74 1.55 12.85
CA THR A 73 -3.61 2.32 13.40
C THR A 73 -3.80 3.81 13.14
N LYS A 74 -3.06 4.63 13.90
CA LYS A 74 -2.94 6.08 13.74
C LYS A 74 -1.52 6.42 14.19
N GLY A 75 -0.70 6.90 13.25
CA GLY A 75 0.70 7.23 13.47
C GLY A 75 1.65 6.76 12.37
N MET A 76 1.22 5.84 11.50
CA MET A 76 2.04 5.31 10.39
C MET A 76 2.39 6.34 9.35
N HIS A 77 1.50 7.31 9.13
CA HIS A 77 1.69 8.37 8.13
C HIS A 77 2.94 9.19 8.41
N ALA A 78 3.19 9.48 9.69
CA ALA A 78 4.33 10.25 10.17
C ALA A 78 5.65 9.53 9.92
N VAL A 79 5.62 8.21 9.66
CA VAL A 79 6.84 7.46 9.38
C VAL A 79 6.85 6.92 7.92
N GLY A 80 6.13 7.62 7.03
CA GLY A 80 6.06 7.30 5.60
C GLY A 80 5.33 6.03 5.22
N GLN A 81 4.45 5.53 6.10
CA GLN A 81 3.71 4.30 5.84
C GLN A 81 2.19 4.52 5.89
N SER A 82 1.44 3.73 5.09
CA SER A 82 -0.02 3.75 5.08
C SER A 82 -0.49 3.21 6.43
N GLU A 83 -1.63 3.71 6.93
CA GLU A 83 -2.23 3.18 8.15
C GLU A 83 -2.66 1.72 7.86
N ILE A 84 -2.69 0.87 8.89
CA ILE A 84 -3.02 -0.55 8.70
C ILE A 84 -4.36 -0.89 9.37
N VAL A 85 -5.18 -1.73 8.67
CA VAL A 85 -6.47 -2.23 9.13
C VAL A 85 -6.41 -3.77 9.07
N ILE A 86 -6.78 -4.42 10.20
CA ILE A 86 -6.89 -5.89 10.31
C ILE A 86 -8.30 -6.18 10.79
N LEU A 87 -9.04 -6.99 10.03
CA LEU A 87 -10.39 -7.46 10.38
C LEU A 87 -10.26 -8.94 10.71
N LEU A 88 -9.88 -9.23 11.96
CA LEU A 88 -9.67 -10.61 12.42
C LEU A 88 -10.97 -11.27 12.85
N GLN A 89 -11.39 -12.34 12.13
CA GLN A 89 -12.60 -13.08 12.47
C GLN A 89 -12.49 -13.70 13.88
N CYS A 90 -13.56 -13.56 14.66
CA CYS A 90 -13.61 -14.07 16.03
C CYS A 90 -13.64 -15.59 16.11
N LEU A 91 -12.86 -16.15 17.06
CA LEU A 91 -12.88 -17.58 17.35
C LEU A 91 -14.13 -17.81 18.20
N PRO A 92 -14.85 -18.96 18.08
CA PRO A 92 -16.07 -19.17 18.89
C PRO A 92 -15.80 -18.98 20.38
N ASP A 93 -16.52 -18.01 20.99
CA ASP A 93 -16.40 -17.58 22.39
C ASP A 93 -14.94 -17.23 22.80
N GLU A 94 -14.36 -16.21 22.12
CA GLU A 94 -13.00 -15.72 22.35
C GLU A 94 -12.98 -14.86 23.61
N LYS A 95 -12.23 -15.30 24.63
CA LYS A 95 -12.16 -14.66 25.95
C LYS A 95 -11.36 -13.36 25.98
N CYS A 96 -10.07 -13.42 25.59
CA CYS A 96 -9.17 -12.27 25.61
C CYS A 96 -9.04 -11.57 24.26
N LEU A 97 -8.34 -10.43 24.25
CA LEU A 97 -8.05 -9.62 23.06
C LEU A 97 -6.80 -10.18 22.36
N PRO A 98 -6.81 -10.39 21.03
CA PRO A 98 -5.61 -10.93 20.34
C PRO A 98 -4.44 -9.93 20.25
N LYS A 99 -3.64 -9.86 21.33
CA LYS A 99 -2.49 -8.99 21.58
C LYS A 99 -1.40 -8.99 20.51
N ASP A 100 -1.13 -10.14 19.86
CA ASP A 100 -0.11 -10.28 18.80
C ASP A 100 -0.24 -9.23 17.68
N ILE A 101 -1.48 -8.75 17.41
CA ILE A 101 -1.76 -7.68 16.41
C ILE A 101 -1.03 -6.39 16.80
N PHE A 102 -1.05 -6.04 18.10
CA PHE A 102 -0.38 -4.87 18.67
C PHE A 102 1.14 -4.97 18.51
N ASN A 103 1.71 -6.17 18.75
CA ASN A 103 3.13 -6.46 18.60
C ASN A 103 3.57 -6.27 17.14
N HIS A 104 2.72 -6.74 16.21
CA HIS A 104 2.95 -6.63 14.78
C HIS A 104 2.93 -5.18 14.32
N PHE A 105 1.95 -4.39 14.81
CA PHE A 105 1.84 -2.95 14.51
C PHE A 105 3.11 -2.18 14.93
N VAL A 106 3.67 -2.50 16.11
CA VAL A 106 4.92 -1.92 16.64
C VAL A 106 6.11 -2.32 15.73
N GLN A 107 6.16 -3.62 15.33
CA GLN A 107 7.22 -4.08 14.44
C GLN A 107 7.18 -3.32 13.11
N LEU A 108 5.96 -3.12 12.54
CA LEU A 108 5.75 -2.37 11.30
C LEU A 108 6.21 -0.93 11.46
N TYR A 109 5.95 -0.31 12.63
CA TYR A 109 6.39 1.06 12.92
C TYR A 109 7.92 1.15 12.92
N ARG A 110 8.61 0.16 13.57
CA ARG A 110 10.06 0.08 13.65
CA ARG A 110 10.07 0.12 13.64
C ARG A 110 10.67 -0.08 12.26
N ASP A 111 10.03 -0.93 11.42
CA ASP A 111 10.46 -1.18 10.05
C ASP A 111 10.40 0.11 9.22
N ALA A 112 9.26 0.86 9.30
CA ALA A 112 9.07 2.12 8.59
C ALA A 112 10.11 3.17 8.98
N LEU A 113 10.45 3.24 10.29
CA LEU A 113 11.48 4.15 10.81
C LEU A 113 12.86 3.83 10.20
N ALA A 114 13.14 2.54 9.94
CA ALA A 114 14.38 2.05 9.32
C ALA A 114 14.40 2.22 7.79
N GLY A 115 13.27 2.61 7.19
CA GLY A 115 13.13 2.82 5.75
C GLY A 115 12.47 1.69 4.99
N ASN A 116 11.94 0.70 5.71
CA ASN A 116 11.26 -0.45 5.11
C ASN A 116 9.77 -0.39 5.37
N VAL A 117 9.00 0.08 4.36
CA VAL A 117 7.56 0.21 4.43
C VAL A 117 6.85 -0.86 3.59
N VAL A 118 5.57 -1.13 3.92
CA VAL A 118 4.74 -2.07 3.17
C VAL A 118 3.75 -1.26 2.33
N SER A 119 3.53 -1.69 1.08
CA SER A 119 2.63 -1.03 0.14
C SER A 119 1.59 -2.02 -0.34
N ASN A 120 0.74 -1.61 -1.29
CA ASN A 120 -0.26 -2.49 -1.88
C ASN A 120 0.45 -3.71 -2.49
N LEU A 121 -0.06 -4.91 -2.14
CA LEU A 121 0.44 -6.24 -2.49
C LEU A 121 1.80 -6.51 -1.86
N GLY A 122 2.16 -5.72 -0.85
CA GLY A 122 3.35 -5.90 -0.02
C GLY A 122 3.12 -7.01 0.98
N HIS A 123 4.12 -7.30 1.84
CA HIS A 123 4.01 -8.39 2.79
C HIS A 123 4.81 -8.17 4.07
N SER A 124 4.44 -8.94 5.10
CA SER A 124 5.11 -9.02 6.39
C SER A 124 5.16 -10.49 6.77
N PHE A 125 6.34 -10.98 7.16
CA PHE A 125 6.56 -12.39 7.55
C PHE A 125 6.95 -12.45 9.01
N PHE A 126 6.57 -13.54 9.69
CA PHE A 126 6.83 -13.69 11.11
C PHE A 126 8.10 -14.49 11.44
N SER A 127 8.81 -14.09 12.51
CA SER A 127 10.06 -14.72 12.99
C SER A 127 9.73 -15.83 14.02
N GLN A 128 8.79 -15.53 14.94
CA GLN A 128 8.28 -16.43 15.99
C GLN A 128 6.82 -16.79 15.66
N SER A 129 6.22 -17.68 16.49
CA SER A 129 4.82 -18.09 16.37
C SER A 129 3.90 -16.87 16.46
N PHE A 130 2.80 -16.88 15.70
CA PHE A 130 1.85 -15.77 15.68
C PHE A 130 0.43 -16.23 15.78
N LEU A 131 -0.38 -15.54 16.59
CA LEU A 131 -1.80 -15.81 16.84
C LEU A 131 -2.14 -17.29 17.18
N GLY A 132 -1.21 -17.97 17.87
CA GLY A 132 -1.41 -19.34 18.33
C GLY A 132 -1.04 -20.49 17.40
N SER A 133 -0.42 -20.20 16.24
CA SER A 133 -0.01 -21.23 15.29
C SER A 133 1.28 -20.88 14.61
N LYS A 134 2.16 -21.87 14.44
CA LYS A 134 3.45 -21.70 13.77
C LYS A 134 3.24 -21.72 12.24
N GLU A 135 2.04 -22.11 11.78
CA GLU A 135 1.68 -22.16 10.36
C GLU A 135 1.16 -20.81 9.85
N HIS A 136 1.05 -19.82 10.75
CA HIS A 136 0.65 -18.44 10.42
C HIS A 136 1.97 -17.78 9.98
N GLY A 137 2.11 -17.59 8.67
CA GLY A 137 3.34 -17.08 8.05
C GLY A 137 3.54 -15.59 7.98
N GLY A 138 2.46 -14.83 7.78
CA GLY A 138 2.55 -13.38 7.66
C GLY A 138 1.26 -12.70 7.25
N PHE A 139 1.39 -11.48 6.70
CA PHE A 139 0.27 -10.69 6.17
C PHE A 139 0.55 -10.30 4.76
N LEU A 140 -0.52 -10.24 3.93
CA LEU A 140 -0.52 -9.72 2.57
C LEU A 140 -1.35 -8.42 2.65
N TYR A 141 -0.75 -7.28 2.28
CA TYR A 141 -1.45 -5.98 2.33
C TYR A 141 -2.15 -5.63 1.04
N VAL A 142 -3.42 -5.21 1.13
CA VAL A 142 -4.21 -4.83 -0.04
C VAL A 142 -4.86 -3.48 0.17
N THR A 143 -5.13 -2.80 -0.96
CA THR A 143 -5.88 -1.56 -1.03
C THR A 143 -7.29 -2.03 -1.41
N SER A 144 -8.34 -1.54 -0.73
CA SER A 144 -9.71 -1.92 -1.04
C SER A 144 -10.14 -1.35 -2.40
N THR A 145 -10.83 -2.16 -3.20
CA THR A 145 -11.35 -1.77 -4.51
C THR A 145 -12.87 -1.91 -4.51
N TYR A 146 -13.39 -3.14 -4.61
CA TYR A 146 -14.84 -3.41 -4.69
C TYR A 146 -15.48 -3.93 -3.43
N GLN A 147 -14.67 -4.25 -2.43
CA GLN A 147 -15.12 -4.77 -1.15
C GLN A 147 -15.86 -3.71 -0.34
N SER A 148 -16.81 -4.18 0.48
CA SER A 148 -17.65 -3.39 1.37
C SER A 148 -16.81 -2.76 2.48
N LEU A 149 -17.14 -1.51 2.84
CA LEU A 149 -16.52 -0.78 3.96
C LEU A 149 -17.64 -0.35 4.94
N GLN A 150 -18.82 -0.99 4.81
CA GLN A 150 -20.07 -0.82 5.58
C GLN A 150 -19.85 -0.66 7.10
N ASP A 151 -20.07 0.59 7.60
CA ASP A 151 -20.00 1.01 9.00
C ASP A 151 -18.69 0.58 9.72
N LEU A 152 -17.56 0.90 9.09
CA LEU A 152 -16.21 0.64 9.60
C LEU A 152 -15.61 2.01 9.95
N VAL A 153 -14.98 2.12 11.13
CA VAL A 153 -14.35 3.38 11.53
C VAL A 153 -12.90 3.25 11.02
N LEU A 154 -12.63 3.90 9.89
CA LEU A 154 -11.37 3.77 9.18
C LEU A 154 -10.42 4.95 9.36
N PRO A 155 -9.09 4.71 9.20
CA PRO A 155 -8.15 5.83 9.30
C PRO A 155 -8.30 6.77 8.10
N THR A 156 -7.58 7.89 8.15
CA THR A 156 -7.50 8.86 7.08
C THR A 156 -6.67 8.15 6.00
N PRO A 157 -7.05 8.20 4.70
CA PRO A 157 -6.24 7.51 3.67
C PRO A 157 -4.84 8.15 3.53
N PRO A 158 -3.78 7.40 3.11
CA PRO A 158 -3.77 5.98 2.69
C PRO A 158 -3.78 4.97 3.83
N TYR A 159 -4.55 3.90 3.65
CA TYR A 159 -4.63 2.75 4.54
C TYR A 159 -4.63 1.43 3.76
N LEU A 160 -4.07 0.38 4.37
CA LEU A 160 -3.98 -0.95 3.77
C LEU A 160 -4.66 -1.94 4.68
N PHE A 161 -5.24 -2.98 4.10
CA PHE A 161 -5.85 -4.08 4.83
C PHE A 161 -4.85 -5.23 4.86
N GLY A 162 -4.48 -5.67 6.06
CA GLY A 162 -3.56 -6.79 6.26
C GLY A 162 -4.33 -8.09 6.32
N ILE A 163 -4.08 -8.99 5.35
CA ILE A 163 -4.72 -10.31 5.23
C ILE A 163 -3.75 -11.38 5.72
N LEU A 164 -4.11 -12.07 6.83
CA LEU A 164 -3.34 -13.17 7.42
C LEU A 164 -3.17 -14.30 6.43
N ILE A 165 -1.93 -14.68 6.15
CA ILE A 165 -1.62 -15.74 5.20
C ILE A 165 -0.81 -16.87 5.88
N GLN A 166 -0.90 -18.09 5.29
CA GLN A 166 -0.24 -19.29 5.80
C GLN A 166 1.23 -19.38 5.39
N LYS A 167 2.02 -20.17 6.14
CA LYS A 167 3.45 -20.36 5.89
C LYS A 167 3.71 -20.88 4.47
N TRP A 168 2.80 -21.74 3.95
CA TRP A 168 2.87 -22.34 2.62
C TRP A 168 2.54 -21.36 1.47
N GLU A 169 1.86 -20.24 1.78
CA GLU A 169 1.46 -19.18 0.83
C GLU A 169 2.53 -18.09 0.71
N THR A 170 3.44 -18.04 1.69
CA THR A 170 4.56 -17.10 1.81
C THR A 170 5.45 -17.01 0.52
N PRO A 171 5.83 -18.12 -0.20
CA PRO A 171 6.62 -17.94 -1.44
C PRO A 171 5.86 -17.12 -2.51
N TRP A 172 4.50 -17.25 -2.56
CA TRP A 172 3.64 -16.52 -3.48
C TRP A 172 3.52 -15.03 -3.12
N ALA A 173 3.41 -14.66 -1.83
CA ALA A 173 3.38 -13.26 -1.38
C ALA A 173 4.70 -12.54 -1.72
N LYS A 174 5.82 -13.25 -1.66
CA LYS A 174 7.13 -12.72 -1.94
C LYS A 174 7.35 -12.50 -3.46
N VAL A 175 7.06 -13.53 -4.25
CA VAL A 175 7.31 -13.59 -5.69
C VAL A 175 6.16 -13.05 -6.54
N PHE A 176 4.94 -13.59 -6.39
CA PHE A 176 3.78 -13.21 -7.23
C PHE A 176 2.54 -12.95 -6.36
N PRO A 177 2.50 -11.81 -5.61
CA PRO A 177 1.40 -11.60 -4.65
C PRO A 177 -0.01 -11.50 -5.22
N ILE A 178 -0.16 -11.03 -6.48
CA ILE A 178 -1.47 -10.91 -7.16
C ILE A 178 -2.21 -12.28 -7.24
N ARG A 179 -1.46 -13.39 -7.44
CA ARG A 179 -1.99 -14.76 -7.53
C ARG A 179 -2.63 -15.19 -6.21
N LEU A 180 -1.98 -14.87 -5.08
CA LEU A 180 -2.43 -15.20 -3.73
C LEU A 180 -3.69 -14.38 -3.43
N MET A 181 -3.63 -13.05 -3.64
CA MET A 181 -4.73 -12.11 -3.46
C MET A 181 -5.99 -12.68 -4.14
N LEU A 182 -5.90 -12.96 -5.46
CA LEU A 182 -7.00 -13.48 -6.28
C LEU A 182 -7.46 -14.87 -5.90
N ARG A 183 -6.54 -15.73 -5.42
CA ARG A 183 -6.85 -17.08 -4.98
C ARG A 183 -7.70 -17.05 -3.70
N LEU A 184 -7.45 -16.05 -2.81
CA LEU A 184 -8.22 -15.83 -1.58
C LEU A 184 -9.64 -15.37 -1.91
N GLY A 185 -9.76 -14.58 -2.99
CA GLY A 185 -11.04 -14.10 -3.51
C GLY A 185 -11.90 -15.24 -4.02
N ALA A 186 -11.29 -16.21 -4.73
CA ALA A 186 -11.98 -17.39 -5.26
C ALA A 186 -12.51 -18.27 -4.12
N GLU A 187 -11.67 -18.49 -3.10
CA GLU A 187 -11.95 -19.25 -1.88
C GLU A 187 -13.17 -18.73 -1.07
N TYR A 188 -13.28 -17.39 -0.89
CA TYR A 188 -14.34 -16.75 -0.07
C TYR A 188 -15.50 -16.18 -0.88
N ARG A 189 -15.46 -16.31 -2.22
CA ARG A 189 -16.47 -15.83 -3.18
C ARG A 189 -16.68 -14.31 -3.10
N LEU A 190 -15.56 -13.56 -2.92
CA LEU A 190 -15.56 -12.11 -2.84
C LEU A 190 -14.62 -11.53 -3.86
N TYR A 191 -15.04 -10.45 -4.56
CA TYR A 191 -14.21 -9.85 -5.59
C TYR A 191 -13.51 -8.52 -5.16
N PRO A 192 -12.18 -8.38 -5.38
CA PRO A 192 -11.25 -9.38 -5.91
C PRO A 192 -10.67 -10.33 -4.83
N CYS A 193 -10.79 -9.95 -3.55
CA CYS A 193 -10.29 -10.68 -2.39
C CYS A 193 -11.03 -10.26 -1.11
N PRO A 194 -11.08 -11.10 -0.06
CA PRO A 194 -11.71 -10.65 1.19
C PRO A 194 -10.80 -9.63 1.91
N LEU A 195 -11.40 -8.74 2.72
CA LEU A 195 -10.62 -7.74 3.48
C LEU A 195 -10.32 -8.26 4.89
N PHE A 196 -10.99 -9.36 5.28
CA PHE A 196 -10.86 -9.97 6.61
C PHE A 196 -9.84 -11.09 6.63
N SER A 197 -9.39 -11.45 7.85
CA SER A 197 -8.42 -12.50 8.13
C SER A 197 -9.09 -13.64 8.92
N VAL A 198 -8.74 -14.89 8.57
CA VAL A 198 -9.28 -16.12 9.20
C VAL A 198 -8.12 -17.00 9.69
N ARG A 199 -8.05 -17.22 11.01
CA ARG A 199 -7.03 -18.06 11.66
C ARG A 199 -7.27 -19.56 11.39
N PHE A 200 -6.17 -20.34 11.40
CA PHE A 200 -6.12 -21.82 11.29
C PHE A 200 -6.75 -22.41 10.02
N ARG A 201 -6.79 -21.65 8.91
CA ARG A 201 -7.33 -22.17 7.65
C ARG A 201 -6.30 -23.04 6.93
N LYS A 202 -6.75 -23.92 6.00
CA LYS A 202 -5.84 -24.78 5.25
C LYS A 202 -5.09 -24.00 4.15
N PRO A 203 -3.77 -24.24 3.94
CA PRO A 203 -3.02 -23.48 2.92
C PRO A 203 -3.60 -23.62 1.51
N LEU A 204 -3.66 -22.50 0.77
CA LEU A 204 -4.20 -22.43 -0.60
C LEU A 204 -3.17 -22.86 -1.64
N PHE A 205 -1.91 -22.91 -1.22
CA PHE A 205 -0.79 -23.38 -2.02
C PHE A 205 0.09 -24.32 -1.20
N GLY A 206 0.71 -25.29 -1.85
CA GLY A 206 1.63 -26.22 -1.24
C GLY A 206 3.01 -25.92 -1.81
N GLU A 207 3.80 -26.97 -2.06
CA GLU A 207 5.12 -26.86 -2.70
C GLU A 207 4.89 -26.27 -4.09
N THR A 208 5.71 -25.29 -4.48
CA THR A 208 5.54 -24.56 -5.74
C THR A 208 5.55 -25.48 -6.99
N GLY A 209 6.20 -26.65 -6.90
CA GLY A 209 6.25 -27.66 -7.95
C GLY A 209 6.76 -27.24 -9.31
N HIS A 210 6.00 -27.57 -10.36
CA HIS A 210 6.37 -27.31 -11.76
C HIS A 210 5.57 -26.15 -12.41
N THR A 211 5.21 -25.12 -11.63
CA THR A 211 4.50 -23.91 -12.09
C THR A 211 5.31 -23.23 -13.20
N ILE A 212 4.62 -22.61 -14.17
CA ILE A 212 5.25 -21.86 -15.29
C ILE A 212 6.07 -20.68 -14.73
N MET A 213 5.77 -20.28 -13.47
CA MET A 213 6.42 -19.20 -12.75
C MET A 213 7.89 -19.47 -12.51
N ASN A 214 8.31 -20.77 -12.40
CA ASN A 214 9.71 -21.23 -12.27
C ASN A 214 10.58 -20.63 -13.37
N LEU A 215 10.02 -20.51 -14.59
CA LEU A 215 10.68 -19.94 -15.77
C LEU A 215 10.83 -18.41 -15.69
N LEU A 216 9.93 -17.74 -14.94
CA LEU A 216 9.87 -16.27 -14.87
C LEU A 216 10.36 -15.65 -13.57
N ALA A 217 10.46 -16.45 -12.50
CA ALA A 217 10.87 -15.99 -11.19
C ALA A 217 11.80 -17.01 -10.52
N ASP A 218 12.36 -16.64 -9.36
CA ASP A 218 13.27 -17.49 -8.59
C ASP A 218 12.64 -17.92 -7.27
N PHE A 219 12.27 -19.20 -7.15
CA PHE A 219 11.65 -19.73 -5.92
C PHE A 219 12.66 -20.15 -4.86
N ARG A 220 13.87 -20.54 -5.30
CA ARG A 220 14.98 -20.89 -4.42
C ARG A 220 15.86 -19.66 -4.30
N ASN A 221 15.98 -19.08 -3.09
CA ASN A 221 16.78 -17.87 -2.76
C ASN A 221 16.09 -16.53 -3.03
N TYR A 222 14.97 -16.52 -3.83
CA TYR A 222 14.18 -15.33 -4.20
C TYR A 222 15.02 -14.15 -4.71
N GLN A 223 16.03 -14.44 -5.54
CA GLN A 223 16.98 -13.45 -6.08
C GLN A 223 16.36 -12.47 -7.07
N TYR A 224 15.30 -12.90 -7.78
CA TYR A 224 14.61 -12.12 -8.79
C TYR A 224 13.18 -12.63 -9.00
N THR A 225 12.38 -11.83 -9.70
CA THR A 225 11.01 -12.16 -10.10
C THR A 225 10.69 -11.46 -11.42
N LEU A 226 9.42 -11.42 -11.78
CA LEU A 226 8.95 -10.76 -12.98
C LEU A 226 9.09 -9.24 -12.81
N PRO A 227 9.62 -8.51 -13.84
CA PRO A 227 9.69 -7.05 -13.72
C PRO A 227 8.26 -6.50 -13.68
N VAL A 228 7.95 -5.65 -12.72
CA VAL A 228 6.61 -5.08 -12.64
C VAL A 228 6.66 -3.57 -12.95
N VAL A 229 5.68 -3.10 -13.72
CA VAL A 229 5.49 -1.72 -14.14
C VAL A 229 4.22 -1.31 -13.44
N GLN A 230 4.32 -0.38 -12.47
CA GLN A 230 3.18 0.08 -11.68
C GLN A 230 2.08 0.64 -12.58
N GLY A 231 0.88 0.06 -12.48
CA GLY A 231 -0.28 0.48 -13.27
C GLY A 231 -0.49 -0.26 -14.56
N LEU A 232 0.50 -1.10 -14.99
CA LEU A 232 0.39 -1.91 -16.20
C LEU A 232 -0.65 -3.02 -15.94
N VAL A 233 -1.63 -3.13 -16.86
CA VAL A 233 -2.71 -4.11 -16.84
C VAL A 233 -2.82 -4.89 -18.17
N VAL A 234 -3.36 -6.13 -18.09
CA VAL A 234 -3.60 -7.00 -19.25
C VAL A 234 -5.12 -7.23 -19.36
N ASP A 235 -5.72 -6.79 -20.50
CA ASP A 235 -7.15 -6.93 -20.79
C ASP A 235 -7.35 -8.02 -21.83
N MET A 236 -8.22 -8.97 -21.53
CA MET A 236 -8.57 -10.04 -22.46
C MET A 236 -10.01 -9.89 -22.80
N GLU A 237 -10.31 -9.84 -24.10
CA GLU A 237 -11.66 -9.73 -24.65
C GLU A 237 -11.80 -10.70 -25.81
N VAL A 238 -13.03 -10.84 -26.35
CA VAL A 238 -13.31 -11.69 -27.52
C VAL A 238 -12.48 -11.20 -28.73
N ARG A 239 -11.51 -12.04 -29.16
CA ARG A 239 -10.59 -11.78 -30.29
C ARG A 239 -9.70 -10.50 -30.06
N LYS A 240 -9.41 -10.16 -28.79
CA LYS A 240 -8.63 -8.97 -28.45
C LYS A 240 -7.87 -9.10 -27.12
N THR A 241 -6.54 -8.94 -27.16
CA THR A 241 -5.66 -8.96 -26.00
C THR A 241 -4.90 -7.66 -26.00
N SER A 242 -4.92 -6.94 -24.88
CA SER A 242 -4.25 -5.63 -24.76
C SER A 242 -3.38 -5.51 -23.52
N ILE A 243 -2.22 -4.87 -23.68
CA ILE A 243 -1.28 -4.55 -22.61
C ILE A 243 -1.35 -3.01 -22.53
N LYS A 244 -1.82 -2.49 -21.39
CA LYS A 244 -1.98 -1.05 -21.20
C LYS A 244 -0.89 -0.56 -20.28
N ILE A 245 0.00 0.25 -20.83
CA ILE A 245 1.13 0.82 -20.11
C ILE A 245 0.81 2.30 -19.75
N PRO A 246 0.95 2.71 -18.46
CA PRO A 246 0.72 4.12 -18.11
C PRO A 246 1.78 5.01 -18.76
N SER A 247 1.39 6.16 -19.35
CA SER A 247 2.30 7.09 -20.03
C SER A 247 3.47 7.62 -19.16
N ASN A 248 3.28 7.69 -17.82
CA ASN A 248 4.33 8.12 -16.88
C ASN A 248 5.26 6.97 -16.44
N ARG A 249 5.16 5.80 -17.12
CA ARG A 249 5.98 4.63 -16.77
C ARG A 249 6.92 4.17 -17.89
N TYR A 250 7.26 5.07 -18.84
CA TYR A 250 8.18 4.81 -19.94
C TYR A 250 9.54 4.24 -19.47
N ASN A 251 10.14 4.85 -18.41
CA ASN A 251 11.44 4.46 -17.85
C ASN A 251 11.43 3.09 -17.18
N GLU A 252 10.31 2.73 -16.54
CA GLU A 252 10.09 1.44 -15.90
C GLU A 252 9.98 0.34 -16.98
N MET A 253 9.32 0.66 -18.10
CA MET A 253 9.18 -0.23 -19.24
C MET A 253 10.54 -0.43 -19.93
N MET A 254 11.31 0.67 -20.12
CA MET A 254 12.65 0.66 -20.71
C MET A 254 13.65 -0.17 -19.91
N LYS A 255 13.61 -0.06 -18.57
CA LYS A 255 14.44 -0.85 -17.67
C LYS A 255 14.09 -2.35 -17.77
N ALA A 256 12.79 -2.68 -17.89
CA ALA A 256 12.30 -4.06 -18.04
C ALA A 256 12.74 -4.67 -19.39
N MET A 257 12.71 -3.86 -20.47
CA MET A 257 13.13 -4.26 -21.82
C MET A 257 14.65 -4.59 -21.88
N ASN A 258 15.46 -3.83 -21.13
CA ASN A 258 16.91 -4.02 -21.05
C ASN A 258 17.30 -5.18 -20.12
N LYS A 259 16.35 -5.65 -19.29
CA LYS A 259 16.54 -6.77 -18.37
C LYS A 259 15.88 -8.04 -18.95
N SER A 260 15.73 -8.08 -20.30
CA SER A 260 15.11 -9.19 -21.03
C SER A 260 15.93 -9.66 -22.24
N ASN A 261 15.58 -10.84 -22.75
CA ASN A 261 16.18 -11.47 -23.93
C ASN A 261 15.62 -10.77 -25.19
N GLU A 262 16.33 -10.89 -26.32
CA GLU A 262 15.91 -10.30 -27.60
C GLU A 262 14.66 -11.03 -28.14
N HIS A 263 14.51 -12.31 -27.75
CA HIS A 263 13.42 -13.19 -28.15
C HIS A 263 12.25 -13.21 -27.16
N VAL A 264 12.43 -12.74 -25.92
CA VAL A 264 11.37 -12.80 -24.90
C VAL A 264 11.14 -11.46 -24.20
N LEU A 265 9.86 -11.02 -24.12
CA LEU A 265 9.41 -9.83 -23.40
C LEU A 265 8.31 -10.28 -22.42
N ALA A 266 8.66 -10.37 -21.13
CA ALA A 266 7.77 -10.82 -20.06
C ALA A 266 7.63 -9.77 -18.98
N GLY A 267 6.48 -9.80 -18.30
CA GLY A 267 6.19 -8.88 -17.21
C GLY A 267 4.97 -9.27 -16.39
N GLY A 268 4.98 -8.87 -15.14
CA GLY A 268 3.87 -9.07 -14.23
C GLY A 268 2.85 -7.98 -14.48
N ALA A 269 1.58 -8.26 -14.19
CA ALA A 269 0.51 -7.28 -14.34
C ALA A 269 -0.07 -6.89 -12.97
N CYS A 270 -0.66 -5.69 -12.89
CA CYS A 270 -1.34 -5.16 -11.72
C CYS A 270 -2.81 -5.56 -11.80
N PHE A 271 -3.57 -5.38 -10.69
CA PHE A 271 -5.01 -5.69 -10.66
C PHE A 271 -5.69 -4.72 -11.62
N ASN A 272 -6.46 -5.26 -12.56
CA ASN A 272 -7.16 -4.49 -13.56
C ASN A 272 -8.57 -4.11 -13.05
N GLU A 273 -8.66 -2.89 -12.49
CA GLU A 273 -9.89 -2.32 -11.91
C GLU A 273 -11.00 -2.22 -12.92
N LYS A 274 -10.70 -1.83 -14.15
CA LYS A 274 -11.72 -1.67 -15.19
C LYS A 274 -12.32 -2.98 -15.73
N ALA A 275 -11.71 -4.15 -15.43
CA ALA A 275 -12.22 -5.46 -15.84
C ALA A 275 -13.42 -5.90 -15.01
N ASP A 276 -14.22 -6.84 -15.52
CA ASP A 276 -15.39 -7.40 -14.83
C ASP A 276 -15.04 -8.77 -14.22
N SER A 277 -13.86 -9.27 -14.56
CA SER A 277 -13.33 -10.57 -14.13
C SER A 277 -11.80 -10.62 -14.14
N HIS A 278 -11.21 -11.64 -13.50
CA HIS A 278 -9.76 -11.84 -13.43
C HIS A 278 -9.41 -13.33 -13.40
N LEU A 279 -8.34 -13.71 -14.11
CA LEU A 279 -7.85 -15.09 -14.11
C LEU A 279 -7.30 -15.48 -12.73
N VAL A 280 -7.61 -16.71 -12.29
CA VAL A 280 -7.19 -17.29 -11.02
C VAL A 280 -6.39 -18.59 -11.30
N CYS A 281 -5.31 -18.80 -10.54
CA CYS A 281 -4.53 -20.04 -10.65
C CYS A 281 -4.76 -20.83 -9.40
N VAL A 282 -5.37 -22.00 -9.57
CA VAL A 282 -5.68 -22.92 -8.49
C VAL A 282 -4.71 -24.11 -8.51
N GLN A 283 -4.14 -24.47 -7.34
CA GLN A 283 -3.29 -25.64 -7.20
C GLN A 283 -4.14 -26.73 -6.57
N ASN A 284 -4.20 -27.92 -7.21
CA ASN A 284 -4.96 -29.09 -6.74
C ASN A 284 -4.16 -29.88 -5.71
N ASP A 285 -4.83 -30.83 -5.02
CA ASP A 285 -4.19 -31.69 -3.99
C ASP A 285 -2.94 -32.46 -4.47
N ASP A 286 -2.86 -32.79 -5.79
CA ASP A 286 -1.71 -33.48 -6.39
C ASP A 286 -0.51 -32.58 -6.67
N GLY A 287 -0.69 -31.26 -6.49
CA GLY A 287 0.36 -30.26 -6.70
C GLY A 287 0.35 -29.62 -8.08
N ASN A 288 -0.51 -30.14 -8.99
CA ASN A 288 -0.69 -29.65 -10.35
C ASN A 288 -1.64 -28.46 -10.35
N TYR A 289 -1.53 -27.62 -11.38
CA TYR A 289 -2.30 -26.37 -11.48
C TYR A 289 -3.41 -26.35 -12.49
N GLN A 290 -4.33 -25.37 -12.31
CA GLN A 290 -5.45 -25.10 -13.20
C GLN A 290 -5.78 -23.63 -13.35
N THR A 291 -6.41 -23.27 -14.48
CA THR A 291 -6.87 -21.93 -14.76
C THR A 291 -8.36 -21.83 -14.40
N GLN A 292 -8.69 -20.84 -13.60
CA GLN A 292 -10.06 -20.54 -13.21
C GLN A 292 -10.26 -19.02 -13.36
N ALA A 293 -11.45 -18.51 -13.03
CA ALA A 293 -11.68 -17.07 -13.09
C ALA A 293 -12.71 -16.65 -12.04
N ILE A 294 -12.61 -15.40 -11.54
CA ILE A 294 -13.58 -14.82 -10.60
C ILE A 294 -14.13 -13.56 -11.23
N SER A 295 -15.37 -13.23 -10.91
CA SER A 295 -16.16 -12.15 -11.49
C SER A 295 -16.75 -11.22 -10.43
N ILE A 296 -16.97 -9.95 -10.81
CA ILE A 296 -17.58 -8.94 -9.94
C ILE A 296 -19.08 -9.19 -9.72
N HIS A 297 -19.82 -9.49 -10.79
CA HIS A 297 -21.27 -9.70 -10.77
C HIS A 297 -21.74 -11.10 -11.17
N ASN A 298 -20.82 -12.00 -11.56
CA ASN A 298 -21.11 -13.34 -12.08
C ASN A 298 -21.90 -13.27 -13.41
N GLN A 299 -21.73 -12.17 -14.13
CA GLN A 299 -22.33 -11.90 -15.44
C GLN A 299 -21.39 -12.44 -16.53
N PRO A 300 -21.87 -12.78 -17.76
CA PRO A 300 -20.93 -13.26 -18.80
C PRO A 300 -19.73 -12.33 -18.93
N ARG A 301 -18.53 -12.91 -18.80
CA ARG A 301 -17.24 -12.22 -18.86
C ARG A 301 -17.09 -11.42 -20.17
N LYS A 302 -16.80 -10.11 -20.06
CA LYS A 302 -16.57 -9.26 -21.23
C LYS A 302 -15.09 -8.89 -21.31
N VAL A 303 -14.54 -8.34 -20.22
CA VAL A 303 -13.15 -7.91 -20.10
C VAL A 303 -12.59 -8.67 -18.90
N THR A 304 -11.64 -9.59 -19.14
CA THR A 304 -11.00 -10.39 -18.09
C THR A 304 -9.53 -9.98 -17.92
N GLY A 305 -9.14 -9.68 -16.70
CA GLY A 305 -7.76 -9.36 -16.37
C GLY A 305 -6.91 -10.62 -16.26
N ALA A 306 -5.59 -10.49 -16.54
CA ALA A 306 -4.58 -11.54 -16.44
C ALA A 306 -3.47 -11.05 -15.49
N SER A 307 -2.69 -11.97 -14.92
CA SER A 307 -1.65 -11.68 -13.93
C SER A 307 -0.24 -11.51 -14.50
N PHE A 308 0.01 -12.01 -15.72
CA PHE A 308 1.29 -11.83 -16.40
C PHE A 308 1.13 -11.93 -17.91
N PHE A 309 2.16 -11.49 -18.64
CA PHE A 309 2.23 -11.59 -20.08
C PHE A 309 3.63 -12.03 -20.47
N VAL A 310 3.70 -12.79 -21.58
CA VAL A 310 4.95 -13.28 -22.17
C VAL A 310 4.80 -13.13 -23.68
N PHE A 311 5.76 -12.43 -24.31
CA PHE A 311 5.84 -12.25 -25.75
C PHE A 311 7.10 -12.96 -26.18
N SER A 312 6.98 -13.90 -27.12
CA SER A 312 8.09 -14.70 -27.66
C SER A 312 8.23 -14.47 -29.17
N GLY A 313 9.41 -14.04 -29.60
CA GLY A 313 9.73 -13.81 -31.00
C GLY A 313 10.27 -15.05 -31.67
N ALA A 314 9.51 -16.17 -31.58
CA ALA A 314 9.88 -17.50 -32.06
C ALA A 314 8.83 -18.24 -32.91
N LEU A 315 7.79 -17.53 -33.39
CA LEU A 315 6.72 -18.13 -34.22
C LEU A 315 7.24 -18.55 -35.60
N ALA A 323 1.10 -13.93 -35.41
CA ALA A 323 0.81 -13.96 -33.98
C ALA A 323 -0.10 -15.10 -33.54
N LYS A 324 0.19 -15.68 -32.36
CA LYS A 324 -0.59 -16.78 -31.75
C LYS A 324 -0.62 -16.56 -30.24
N SER A 325 -1.79 -16.79 -29.59
CA SER A 325 -1.94 -16.57 -28.14
C SER A 325 -2.51 -17.76 -27.37
N SER A 326 -2.16 -17.84 -26.08
CA SER A 326 -2.56 -18.87 -25.13
C SER A 326 -2.64 -18.31 -23.70
N ILE A 327 -3.37 -19.01 -22.84
CA ILE A 327 -3.48 -18.72 -21.42
C ILE A 327 -2.70 -19.85 -20.73
N VAL A 328 -1.69 -19.48 -19.92
CA VAL A 328 -0.92 -20.44 -19.12
C VAL A 328 -1.16 -20.03 -17.66
N GLU A 329 -1.89 -20.87 -16.90
CA GLU A 329 -2.24 -20.64 -15.48
C GLU A 329 -3.05 -19.30 -15.36
N ASP A 330 -2.46 -18.22 -14.79
CA ASP A 330 -3.20 -16.95 -14.68
C ASP A 330 -2.67 -15.83 -15.62
N GLY A 331 -1.84 -16.20 -16.59
CA GLY A 331 -1.27 -15.24 -17.54
C GLY A 331 -1.45 -15.55 -19.00
N VAL A 332 -0.99 -14.61 -19.84
CA VAL A 332 -1.07 -14.66 -21.31
C VAL A 332 0.32 -14.98 -21.93
N MET A 333 0.34 -15.88 -22.92
CA MET A 333 1.54 -16.25 -23.65
C MET A 333 1.30 -15.99 -25.13
N VAL A 334 2.11 -15.12 -25.72
CA VAL A 334 1.98 -14.73 -27.12
C VAL A 334 3.26 -15.05 -27.89
N GLN A 335 3.12 -15.72 -29.05
CA GLN A 335 4.22 -16.05 -29.94
C GLN A 335 4.04 -15.25 -31.22
N ILE A 336 5.07 -14.48 -31.57
CA ILE A 336 5.10 -13.60 -32.76
C ILE A 336 6.39 -13.88 -33.56
N THR A 337 6.44 -13.40 -34.83
CA THR A 337 7.65 -13.54 -35.68
C THR A 337 8.78 -12.67 -35.11
N ALA A 338 10.04 -13.07 -35.36
CA ALA A 338 11.23 -12.31 -34.93
C ALA A 338 11.16 -10.85 -35.42
N GLU A 339 10.63 -10.62 -36.65
CA GLU A 339 10.45 -9.30 -37.25
C GLU A 339 9.40 -8.46 -36.52
N ASN A 340 8.27 -9.08 -36.14
CA ASN A 340 7.21 -8.43 -35.37
C ASN A 340 7.71 -8.05 -33.97
N MET A 341 8.65 -8.84 -33.39
CA MET A 341 9.31 -8.60 -32.10
C MET A 341 10.23 -7.34 -32.17
N ASP A 342 10.98 -7.18 -33.28
CA ASP A 342 11.85 -6.02 -33.51
C ASP A 342 11.01 -4.77 -33.74
N SER A 343 9.87 -4.95 -34.43
CA SER A 343 8.91 -3.90 -34.74
C SER A 343 8.24 -3.43 -33.43
N LEU A 344 7.83 -4.39 -32.57
CA LEU A 344 7.22 -4.14 -31.27
C LEU A 344 8.19 -3.41 -30.35
N ARG A 345 9.45 -3.91 -30.24
CA ARG A 345 10.50 -3.29 -29.39
C ARG A 345 10.83 -1.86 -29.81
N GLN A 346 10.85 -1.59 -31.13
CA GLN A 346 11.08 -0.26 -31.74
C GLN A 346 9.96 0.74 -31.39
N ALA A 347 8.67 0.32 -31.54
CA ALA A 347 7.50 1.14 -31.22
C ALA A 347 7.51 1.53 -29.73
N LEU A 348 7.86 0.58 -28.83
CA LEU A 348 7.93 0.84 -27.39
C LEU A 348 9.03 1.85 -27.06
N ARG A 349 10.20 1.75 -27.73
CA ARG A 349 11.30 2.71 -27.52
C ARG A 349 10.90 4.11 -27.98
N GLU A 350 10.04 4.22 -29.00
CA GLU A 350 9.52 5.49 -29.53
C GLU A 350 8.27 5.95 -28.77
N MET A 351 7.85 5.19 -27.72
CA MET A 351 6.64 5.40 -26.90
C MET A 351 5.39 5.51 -27.78
N LYS A 352 5.33 4.63 -28.78
CA LYS A 352 4.23 4.55 -29.72
C LYS A 352 3.40 3.31 -29.41
N ASP A 353 2.12 3.35 -29.80
CA ASP A 353 1.24 2.18 -29.65
C ASP A 353 1.61 1.16 -30.75
N PHE A 354 1.24 -0.13 -30.54
CA PHE A 354 1.57 -1.21 -31.48
C PHE A 354 0.45 -2.23 -31.62
N THR A 355 0.11 -2.56 -32.86
CA THR A 355 -0.94 -3.52 -33.19
C THR A 355 -0.39 -4.70 -34.00
N ILE A 356 -0.82 -5.92 -33.64
CA ILE A 356 -0.49 -7.19 -34.31
C ILE A 356 -1.81 -7.83 -34.77
N GLU A 368 -8.23 -12.28 -34.75
CA GLU A 368 -7.84 -11.85 -33.40
C GLU A 368 -6.78 -10.72 -33.42
N HIS A 369 -6.94 -9.73 -32.52
CA HIS A 369 -6.02 -8.60 -32.40
C HIS A 369 -5.26 -8.55 -31.07
N ILE A 370 -4.01 -8.08 -31.14
CA ILE A 370 -3.12 -7.90 -30.00
C ILE A 370 -2.66 -6.43 -30.01
N HIS A 371 -2.93 -5.71 -28.91
CA HIS A 371 -2.60 -4.29 -28.76
C HIS A 371 -1.68 -3.98 -27.58
N ILE A 372 -0.76 -3.04 -27.79
CA ILE A 372 0.16 -2.49 -26.77
C ILE A 372 -0.07 -1.00 -26.90
N GLN A 373 -0.77 -0.46 -25.90
CA GLN A 373 -1.26 0.91 -25.84
C GLN A 373 -0.66 1.67 -24.67
N TRP A 374 -0.29 2.93 -24.93
CA TRP A 374 0.22 3.84 -23.91
C TRP A 374 -1.03 4.60 -23.45
N VAL A 375 -1.43 4.36 -22.19
CA VAL A 375 -2.66 4.95 -21.60
C VAL A 375 -2.35 6.09 -20.60
N ASP A 376 -3.41 6.64 -19.95
CA ASP A 376 -3.30 7.72 -18.97
C ASP A 376 -2.33 7.40 -17.84
N ASP A 377 -1.74 8.43 -17.22
CA ASP A 377 -0.77 8.28 -16.13
C ASP A 377 -1.29 7.52 -14.91
N ASP A 378 -0.45 6.63 -14.34
CA ASP A 378 -0.77 5.87 -13.15
C ASP A 378 -0.64 6.81 -11.96
N LYS A 379 -1.73 6.98 -11.21
CA LYS A 379 -1.79 7.84 -10.05
C LYS A 379 -1.01 7.21 -8.90
N ASN A 380 0.04 7.91 -8.44
CA ASN A 380 0.88 7.48 -7.32
C ASN A 380 0.08 7.58 -6.00
N VAL A 381 -0.65 8.70 -5.83
CA VAL A 381 -1.46 9.07 -4.66
C VAL A 381 -2.76 8.30 -4.59
N SER A 382 -3.11 7.93 -3.35
CA SER A 382 -4.32 7.21 -2.94
C SER A 382 -5.54 8.12 -3.06
N LYS A 383 -6.74 7.52 -3.02
CA LYS A 383 -8.01 8.23 -3.08
C LYS A 383 -8.27 8.89 -1.75
N GLY A 384 -8.85 10.09 -1.80
CA GLY A 384 -9.23 10.85 -0.62
C GLY A 384 -8.12 11.53 0.14
N VAL A 385 -6.91 11.59 -0.45
CA VAL A 385 -5.74 12.24 0.17
C VAL A 385 -5.85 13.73 -0.16
N VAL A 386 -5.88 14.58 0.90
CA VAL A 386 -6.01 16.03 0.75
C VAL A 386 -4.81 16.78 1.33
N SER A 387 -4.64 18.03 0.92
CA SER A 387 -3.58 18.90 1.41
C SER A 387 -3.89 19.39 2.83
N PRO A 388 -2.94 19.34 3.80
CA PRO A 388 -3.24 19.87 5.14
C PRO A 388 -3.36 21.41 5.16
N ILE A 389 -2.95 22.08 4.07
CA ILE A 389 -2.99 23.53 3.94
C ILE A 389 -4.42 24.04 3.69
N ASP A 390 -5.07 23.56 2.61
CA ASP A 390 -6.39 24.03 2.17
C ASP A 390 -7.40 22.92 1.75
N GLY A 391 -7.04 21.66 1.99
CA GLY A 391 -7.91 20.52 1.67
C GLY A 391 -8.05 20.18 0.20
N LYS A 392 -7.16 20.69 -0.66
CA LYS A 392 -7.18 20.40 -2.09
C LYS A 392 -6.81 18.95 -2.29
N SER A 393 -7.47 18.27 -3.22
CA SER A 393 -7.19 16.85 -3.53
C SER A 393 -5.78 16.69 -4.10
N MET A 394 -5.09 15.61 -3.70
CA MET A 394 -3.75 15.26 -4.18
C MET A 394 -3.79 14.05 -5.15
N GLU A 395 -5.00 13.50 -5.41
CA GLU A 395 -5.24 12.31 -6.25
C GLU A 395 -4.54 12.29 -7.62
N THR A 396 -4.47 13.43 -8.32
CA THR A 396 -3.83 13.49 -9.65
C THR A 396 -2.41 14.11 -9.60
N ILE A 397 -1.80 14.18 -8.39
CA ILE A 397 -0.47 14.78 -8.18
C ILE A 397 0.58 13.69 -7.90
N THR A 398 1.79 13.82 -8.50
CA THR A 398 2.93 12.88 -8.34
C THR A 398 3.49 12.94 -6.90
N ASN A 399 3.78 11.78 -6.29
CA ASN A 399 4.29 11.68 -4.91
C ASN A 399 5.66 11.02 -4.79
N VAL A 400 6.53 11.60 -3.93
CA VAL A 400 7.87 11.10 -3.64
C VAL A 400 8.02 10.98 -2.11
N LYS A 401 8.13 9.75 -1.60
CA LYS A 401 8.32 9.49 -0.17
C LYS A 401 9.77 9.84 0.19
N ILE A 402 10.00 10.36 1.42
CA ILE A 402 11.32 10.79 1.88
C ILE A 402 11.85 9.96 3.04
N PHE A 403 13.02 9.34 2.83
CA PHE A 403 13.76 8.57 3.85
C PHE A 403 15.20 9.10 3.84
N HIS A 404 15.48 10.08 4.72
CA HIS A 404 16.78 10.74 4.85
C HIS A 404 16.99 11.23 6.28
N GLU A 407 15.37 14.52 10.27
CA GLU A 407 14.46 15.09 11.27
C GLU A 407 15.15 16.00 12.30
N TYR A 408 14.41 16.99 12.82
CA TYR A 408 14.94 17.91 13.83
C TYR A 408 14.23 17.83 15.14
N LYS A 409 14.99 17.91 16.24
CA LYS A 409 14.47 17.85 17.62
C LYS A 409 14.65 19.20 18.32
N ALA A 410 13.60 19.66 19.01
CA ALA A 410 13.54 20.91 19.79
C ALA A 410 12.31 20.88 20.68
N ASN A 411 12.39 21.52 21.88
CA ASN A 411 11.33 21.69 22.89
C ASN A 411 10.57 20.40 23.26
N GLY A 412 11.30 19.28 23.33
CA GLY A 412 10.79 17.96 23.66
C GLY A 412 10.14 17.23 22.49
N LYS A 413 9.99 17.92 21.34
CA LYS A 413 9.30 17.42 20.14
C LYS A 413 10.23 17.11 18.97
N VAL A 414 9.67 16.52 17.90
CA VAL A 414 10.41 16.18 16.68
C VAL A 414 9.62 16.66 15.45
N ILE A 415 10.31 17.29 14.47
CA ILE A 415 9.69 17.68 13.20
C ILE A 415 10.36 16.86 12.10
N ARG A 416 9.52 16.14 11.32
CA ARG A 416 9.92 15.26 10.23
C ARG A 416 9.34 15.69 8.89
N TRP A 417 10.17 15.65 7.84
CA TRP A 417 9.75 15.90 6.46
C TRP A 417 9.57 14.49 5.88
N THR A 418 8.32 14.06 5.66
CA THR A 418 8.04 12.70 5.21
C THR A 418 7.83 12.57 3.70
N GLU A 419 7.28 13.61 3.06
CA GLU A 419 7.03 13.53 1.62
C GLU A 419 6.94 14.88 0.92
N VAL A 420 6.88 14.81 -0.42
CA VAL A 420 6.74 15.94 -1.32
C VAL A 420 5.87 15.52 -2.50
N PHE A 421 4.97 16.42 -2.90
CA PHE A 421 4.07 16.27 -4.03
C PHE A 421 4.47 17.30 -5.09
N PHE A 422 4.64 16.86 -6.34
CA PHE A 422 4.99 17.73 -7.46
C PHE A 422 3.77 17.96 -8.34
N LEU A 423 3.10 19.11 -8.11
CA LEU A 423 1.85 19.54 -8.77
C LEU A 423 2.05 19.82 -10.27
N GLU A 424 3.31 20.12 -10.69
CA GLU A 424 3.77 20.37 -12.07
C GLU A 424 2.92 21.39 -12.84
N SER A 439 15.41 18.60 -6.36
CA SER A 439 15.90 17.93 -5.16
C SER A 439 16.81 18.82 -4.30
N ARG A 440 17.69 19.63 -4.93
CA ARG A 440 18.60 20.53 -4.20
C ARG A 440 17.83 21.62 -3.46
N LEU A 441 16.92 22.33 -4.17
CA LEU A 441 16.08 23.38 -3.60
C LEU A 441 15.12 22.83 -2.55
N THR A 442 14.42 21.71 -2.86
CA THR A 442 13.47 21.03 -1.98
C THR A 442 14.07 20.78 -0.59
N GLU A 443 15.27 20.15 -0.56
CA GLU A 443 16.05 19.85 0.66
C GLU A 443 16.36 21.09 1.48
N HIS A 444 16.69 22.21 0.81
CA HIS A 444 16.99 23.49 1.44
C HIS A 444 15.73 24.17 1.99
N VAL A 445 14.62 24.08 1.24
CA VAL A 445 13.29 24.60 1.59
C VAL A 445 12.79 23.84 2.85
N ALA A 446 12.96 22.49 2.86
CA ALA A 446 12.59 21.61 3.97
C ALA A 446 13.32 21.94 5.27
N LYS A 447 14.65 22.14 5.24
CA LYS A 447 15.44 22.48 6.43
C LYS A 447 15.04 23.85 6.98
N ALA A 448 14.92 24.86 6.11
CA ALA A 448 14.51 26.22 6.47
C ALA A 448 13.12 26.24 7.15
N PHE A 449 12.15 25.44 6.64
CA PHE A 449 10.81 25.36 7.24
C PHE A 449 10.87 24.75 8.67
N CYS A 450 11.52 23.57 8.82
CA CYS A 450 11.69 22.88 10.11
C CYS A 450 12.42 23.76 11.13
N LEU A 451 13.56 24.38 10.74
CA LEU A 451 14.33 25.24 11.64
C LEU A 451 13.53 26.43 12.16
N ALA A 452 12.79 27.12 11.24
CA ALA A 452 11.95 28.25 11.62
C ALA A 452 10.84 27.87 12.61
N LEU A 453 10.34 26.61 12.54
CA LEU A 453 9.28 26.15 13.43
C LEU A 453 9.75 25.46 14.73
N CYS A 454 11.04 25.07 14.80
CA CYS A 454 11.64 24.39 15.96
C CYS A 454 11.42 25.11 17.30
N PRO A 455 11.58 26.46 17.43
CA PRO A 455 11.27 27.09 18.73
C PRO A 455 9.78 27.03 19.10
N HIS A 456 8.91 26.66 18.14
CA HIS A 456 7.45 26.65 18.31
C HIS A 456 6.76 25.27 18.31
N LEU A 457 7.49 24.16 18.14
CA LEU A 457 6.93 22.80 18.06
C LEU A 457 5.99 22.41 19.20
N LYS A 458 6.24 22.88 20.42
CA LYS A 458 5.41 22.57 21.59
C LYS A 458 4.06 23.28 21.49
N LEU A 459 4.09 24.58 21.16
CA LEU A 459 2.91 25.44 21.00
C LEU A 459 2.04 25.01 19.84
N LEU A 460 2.65 24.50 18.75
CA LEU A 460 1.93 24.00 17.59
C LEU A 460 1.18 22.70 17.92
N LYS A 461 1.87 21.74 18.58
CA LYS A 461 1.29 20.45 18.98
C LYS A 461 0.12 20.62 19.96
N GLU A 462 0.29 21.45 21.00
CA GLU A 462 -0.71 21.74 22.03
C GLU A 462 -1.98 22.37 21.45
N ASP A 463 -1.85 23.07 20.32
CA ASP A 463 -2.93 23.77 19.63
C ASP A 463 -3.57 22.97 18.49
N GLY A 464 -3.16 21.71 18.32
CA GLY A 464 -3.72 20.81 17.32
C GLY A 464 -3.10 20.84 15.94
N MET A 465 -1.89 21.42 15.79
CA MET A 465 -1.21 21.48 14.50
C MET A 465 -0.05 20.49 14.46
N THR A 466 -0.34 19.23 14.09
CA THR A 466 0.57 18.07 14.04
C THR A 466 1.02 17.72 12.59
N LYS A 467 0.10 17.82 11.62
CA LYS A 467 0.40 17.57 10.21
C LYS A 467 0.37 18.93 9.54
N LEU A 468 1.54 19.32 8.99
CA LEU A 468 1.74 20.63 8.41
C LEU A 468 2.23 20.54 6.99
N GLY A 469 1.91 21.55 6.20
CA GLY A 469 2.29 21.60 4.81
C GLY A 469 2.80 22.96 4.39
N LEU A 470 3.73 22.92 3.41
CA LEU A 470 4.34 24.07 2.78
C LEU A 470 4.26 23.86 1.27
N ARG A 471 3.60 24.79 0.59
CA ARG A 471 3.44 24.80 -0.86
C ARG A 471 4.26 25.96 -1.42
N VAL A 472 5.23 25.65 -2.29
CA VAL A 472 6.15 26.58 -2.92
C VAL A 472 5.80 26.68 -4.43
N THR A 473 5.60 27.92 -4.91
CA THR A 473 5.28 28.23 -6.30
C THR A 473 6.45 28.98 -6.95
N LEU A 474 6.87 28.51 -8.13
CA LEU A 474 7.95 29.09 -8.92
C LEU A 474 7.54 29.20 -10.38
N ASP A 475 7.31 30.44 -10.85
CA ASP A 475 6.92 30.76 -12.22
C ASP A 475 7.89 31.80 -12.78
N SER A 476 7.77 32.12 -14.09
CA SER A 476 8.60 33.13 -14.75
C SER A 476 8.32 34.51 -14.12
N ASP A 477 7.03 34.83 -13.89
CA ASP A 477 6.57 36.08 -13.29
C ASP A 477 6.58 36.05 -11.75
N GLN A 478 5.82 35.11 -11.13
CA GLN A 478 5.66 34.96 -9.67
C GLN A 478 6.56 33.90 -9.03
N VAL A 479 6.84 34.10 -7.72
CA VAL A 479 7.64 33.25 -6.84
C VAL A 479 7.09 33.46 -5.40
N GLY A 480 6.39 32.45 -4.88
CA GLY A 480 5.76 32.54 -3.56
C GLY A 480 5.60 31.24 -2.80
N TYR A 481 5.13 31.36 -1.55
CA TYR A 481 4.90 30.21 -0.68
C TYR A 481 3.61 30.33 0.15
N GLN A 482 3.09 29.18 0.59
CA GLN A 482 1.91 29.07 1.45
C GLN A 482 2.16 27.96 2.46
N ALA A 483 1.79 28.21 3.72
CA ALA A 483 1.91 27.24 4.79
C ALA A 483 0.55 27.03 5.48
N GLY A 484 0.37 25.88 6.11
CA GLY A 484 -0.87 25.59 6.80
C GLY A 484 -0.93 24.24 7.49
N SER A 485 -1.99 24.06 8.28
CA SER A 485 -2.33 22.88 9.06
C SER A 485 -3.86 22.85 9.25
N ASN A 486 -4.45 21.64 9.33
CA ASN A 486 -5.89 21.42 9.52
C ASN A 486 -6.80 22.21 8.53
N GLY A 487 -6.29 22.44 7.32
CA GLY A 487 -6.98 23.18 6.27
C GLY A 487 -7.09 24.68 6.50
N GLN A 488 -6.23 25.22 7.36
CA GLN A 488 -6.22 26.63 7.74
C GLN A 488 -4.79 27.17 7.70
N PRO A 489 -4.58 28.51 7.57
CA PRO A 489 -3.21 29.05 7.68
C PRO A 489 -2.66 28.87 9.10
N LEU A 490 -1.35 28.94 9.24
CA LEU A 490 -0.65 28.85 10.52
C LEU A 490 -0.87 30.18 11.26
N PRO A 491 -0.87 30.20 12.62
CA PRO A 491 -1.10 31.47 13.33
C PRO A 491 -0.11 32.55 12.91
N SER A 492 -0.61 33.79 12.72
CA SER A 492 0.13 34.96 12.26
C SER A 492 1.45 35.23 12.98
N GLN A 493 1.54 34.89 14.29
CA GLN A 493 2.76 35.08 15.11
C GLN A 493 4.01 34.32 14.61
N TYR A 494 3.83 33.28 13.76
CA TYR A 494 4.94 32.50 13.22
C TYR A 494 5.37 32.95 11.83
N MET A 495 4.57 33.78 11.15
CA MET A 495 4.80 34.18 9.77
C MET A 495 6.05 35.02 9.54
N ASN A 496 6.44 35.85 10.53
CA ASN A 496 7.65 36.66 10.49
C ASN A 496 8.87 35.75 10.50
N ASP A 497 8.83 34.69 11.35
CA ASP A 497 9.88 33.68 11.45
C ASP A 497 9.97 32.84 10.19
N LEU A 498 8.83 32.53 9.54
CA LEU A 498 8.82 31.75 8.30
C LEU A 498 9.36 32.54 7.12
N ASP A 499 9.01 33.84 7.02
CA ASP A 499 9.47 34.76 5.96
C ASP A 499 10.98 34.87 5.93
N SER A 500 11.59 35.26 7.07
CA SER A 500 13.03 35.44 7.24
C SER A 500 13.87 34.18 6.94
N ALA A 501 13.29 32.97 7.09
CA ALA A 501 13.99 31.70 6.78
C ALA A 501 13.80 31.22 5.33
N LEU A 502 12.58 31.35 4.80
CA LEU A 502 12.24 30.86 3.45
C LEU A 502 12.56 31.83 2.32
N VAL A 503 12.38 33.16 2.52
CA VAL A 503 12.63 34.19 1.51
C VAL A 503 14.09 34.07 0.95
N PRO A 504 15.18 34.05 1.77
CA PRO A 504 16.52 33.87 1.20
C PRO A 504 16.69 32.64 0.30
N VAL A 505 16.12 31.49 0.71
CA VAL A 505 16.17 30.21 -0.01
C VAL A 505 15.43 30.30 -1.36
N ILE A 506 14.12 30.67 -1.34
CA ILE A 506 13.27 30.78 -2.54
C ILE A 506 13.76 31.92 -3.45
N HIS A 507 13.77 33.18 -2.94
CA HIS A 507 14.21 34.36 -3.69
C HIS A 507 15.59 34.82 -3.27
N VAL A 518 6.55 25.60 -11.76
CA VAL A 518 6.86 24.53 -10.80
C VAL A 518 6.16 24.79 -9.45
N VAL A 519 5.13 23.98 -9.16
CA VAL A 519 4.39 24.02 -7.88
C VAL A 519 4.80 22.75 -7.13
N MET A 520 5.08 22.89 -5.83
CA MET A 520 5.64 21.86 -4.97
C MET A 520 5.00 21.90 -3.56
N GLU A 521 4.54 20.74 -3.02
CA GLU A 521 3.97 20.70 -1.66
C GLU A 521 4.65 19.66 -0.78
N LEU A 522 5.29 20.12 0.31
CA LEU A 522 6.06 19.33 1.28
C LEU A 522 5.23 19.06 2.49
N ILE A 523 5.31 17.82 3.01
CA ILE A 523 4.55 17.41 4.18
C ILE A 523 5.46 17.18 5.37
N PHE A 524 5.07 17.75 6.53
CA PHE A 524 5.81 17.65 7.78
C PHE A 524 4.93 17.17 8.91
N TYR A 525 5.54 16.44 9.87
CA TYR A 525 4.85 15.94 11.05
C TYR A 525 5.59 16.33 12.33
N ILE A 526 4.83 16.79 13.35
CA ILE A 526 5.36 17.08 14.68
C ILE A 526 5.02 15.86 15.53
N LEU A 527 6.05 15.20 16.06
CA LEU A 527 5.95 14.01 16.88
C LEU A 527 6.55 14.22 18.30
N GLU A 528 6.43 13.21 19.17
CA GLU A 528 7.01 13.21 20.51
C GLU A 528 8.40 12.59 20.42
N ASN A 529 9.39 13.14 21.13
CA ASN A 529 10.74 12.55 21.12
C ASN A 529 10.79 11.33 22.03
N ILE A 530 11.08 10.15 21.45
CA ILE A 530 11.19 8.87 22.17
C ILE A 530 12.69 8.55 22.37
#